data_1YSZ
#
_entry.id   1YSZ
#
_cell.length_a   65.586
_cell.length_b   95.514
_cell.length_c   42.857
_cell.angle_alpha   90.00
_cell.angle_beta   90.00
_cell.angle_gamma   90.00
#
_symmetry.space_group_name_H-M   'P 21 21 2'
#
loop_
_entity.id
_entity.type
_entity.pdbx_description
1 polymer Endoplasmin
2 non-polymer "N-ETHYL-5'-CARBOXAMIDO ADENOSINE"
3 non-polymer 'TETRAETHYLENE GLYCOL'
4 water water
#
_entity_poly.entity_id   1
_entity_poly.type   'polypeptide(L)'
_entity_poly.pdbx_seq_one_letter_code
;GSHMLREKSEKFAFQAEVNRMMKLIINSLYKNKEIFLRELISNASDALDKIRLISLTDENALAGNEELTVKIKCDKEKNL
LHVTDTGVGMTREELVKNLGTIAKSGTSEFLNKMTEAQEDGQSTSELIGQFGVGFYSAFLVADKVIVTSKHNNDTQHIWE
SDSNEFSVIADPRGNTLGRGTTITLVLKEEASDYLELDTIKNLVKKYSQFINFPIYVWSSKTGGGGKTVWDWELMN
;
_entity_poly.pdbx_strand_id   A
#
# COMPACT_ATOMS: atom_id res chain seq x y z
N GLU A 10 9.69 10.11 17.19
CA GLU A 10 9.35 10.15 15.73
C GLU A 10 10.11 9.15 14.89
N LYS A 11 11.31 8.76 15.33
CA LYS A 11 12.13 7.79 14.59
C LYS A 11 12.19 6.44 15.29
N PHE A 12 11.90 5.38 14.54
CA PHE A 12 11.93 4.02 15.07
C PHE A 12 12.82 3.10 14.27
N ALA A 13 13.17 1.97 14.88
CA ALA A 13 13.98 0.97 14.23
C ALA A 13 13.05 -0.20 13.92
N PHE A 14 13.32 -0.93 12.83
CA PHE A 14 12.49 -2.07 12.53
C PHE A 14 12.89 -3.22 13.45
N GLN A 15 11.92 -4.07 13.73
CA GLN A 15 12.11 -5.24 14.56
C GLN A 15 13.02 -6.19 13.78
N ALA A 16 13.99 -6.80 14.47
CA ALA A 16 14.92 -7.73 13.83
C ALA A 16 14.25 -8.65 12.82
N GLU A 17 13.15 -9.27 13.21
CA GLU A 17 12.42 -10.18 12.31
C GLU A 17 11.92 -9.48 11.05
N VAL A 18 11.56 -8.20 11.18
CA VAL A 18 11.07 -7.45 10.03
C VAL A 18 12.19 -7.22 9.03
N ASN A 19 13.41 -7.00 9.51
CA ASN A 19 14.54 -6.78 8.61
C ASN A 19 14.82 -8.03 7.82
N ARG A 20 14.76 -9.18 8.50
CA ARG A 20 15.01 -10.45 7.86
C ARG A 20 13.92 -10.69 6.83
N MET A 21 12.69 -10.44 7.24
CA MET A 21 11.55 -10.64 6.36
C MET A 21 11.60 -9.75 5.13
N MET A 22 11.95 -8.48 5.32
CA MET A 22 12.03 -7.56 4.19
C MET A 22 13.05 -8.07 3.18
N LYS A 23 14.17 -8.59 3.69
CA LYS A 23 15.23 -9.13 2.85
C LYS A 23 14.75 -10.39 2.11
N LEU A 24 14.10 -11.29 2.84
CA LEU A 24 13.57 -12.49 2.21
C LEU A 24 12.67 -12.09 1.05
N ILE A 25 11.58 -11.39 1.36
CA ILE A 25 10.64 -10.94 0.36
C ILE A 25 11.33 -10.29 -0.83
N ILE A 26 12.27 -9.38 -0.57
CA ILE A 26 12.96 -8.71 -1.67
C ILE A 26 13.83 -9.66 -2.49
N ASN A 27 14.55 -10.54 -1.81
CA ASN A 27 15.42 -11.48 -2.49
C ASN A 27 14.70 -12.49 -3.40
N SER A 28 13.61 -13.06 -2.90
CA SER A 28 12.86 -14.06 -3.65
C SER A 28 12.04 -13.47 -4.83
N LEU A 29 11.30 -12.39 -4.62
CA LEU A 29 10.51 -11.80 -5.70
C LEU A 29 11.33 -10.99 -6.74
N TYR A 30 12.66 -11.04 -6.67
CA TYR A 30 13.51 -10.29 -7.59
C TYR A 30 13.07 -10.29 -9.05
N LYS A 31 12.73 -11.46 -9.56
CA LYS A 31 12.32 -11.61 -10.95
C LYS A 31 10.84 -11.32 -11.22
N ASN A 32 10.02 -11.40 -10.19
CA ASN A 32 8.59 -11.16 -10.32
C ASN A 32 8.26 -9.93 -9.47
N LYS A 33 8.81 -8.78 -9.85
CA LYS A 33 8.61 -7.54 -9.10
C LYS A 33 7.24 -6.86 -9.11
N GLU A 34 6.56 -6.86 -10.26
CA GLU A 34 5.27 -6.17 -10.32
C GLU A 34 4.16 -6.67 -9.39
N ILE A 35 4.45 -7.64 -8.52
CA ILE A 35 3.42 -8.14 -7.60
C ILE A 35 3.23 -7.19 -6.40
N PHE A 36 4.14 -6.22 -6.29
CA PHE A 36 4.07 -5.22 -5.22
C PHE A 36 2.71 -4.54 -5.39
N LEU A 37 2.36 -4.27 -6.66
CA LEU A 37 1.10 -3.60 -6.96
C LEU A 37 -0.10 -4.45 -6.57
N ARG A 38 0.02 -5.76 -6.80
CA ARG A 38 -1.05 -6.69 -6.46
C ARG A 38 -1.24 -6.69 -4.94
N GLU A 39 -0.12 -6.77 -4.23
CA GLU A 39 -0.14 -6.77 -2.78
C GLU A 39 -0.69 -5.49 -2.15
N LEU A 40 -0.35 -4.33 -2.71
CA LEU A 40 -0.84 -3.07 -2.16
C LEU A 40 -2.34 -2.96 -2.37
N ILE A 41 -2.79 -3.43 -3.53
CA ILE A 41 -4.21 -3.44 -3.87
C ILE A 41 -4.98 -4.40 -2.95
N SER A 42 -4.34 -5.53 -2.64
CA SER A 42 -4.92 -6.52 -1.76
C SER A 42 -5.08 -5.91 -0.37
N ASN A 43 -4.09 -5.13 0.05
CA ASN A 43 -4.16 -4.52 1.37
C ASN A 43 -5.21 -3.43 1.44
N ALA A 44 -5.39 -2.71 0.33
CA ALA A 44 -6.37 -1.65 0.27
C ALA A 44 -7.77 -2.27 0.36
N SER A 45 -7.92 -3.45 -0.23
CA SER A 45 -9.19 -4.15 -0.23
C SER A 45 -9.54 -4.51 1.22
N ASP A 46 -8.57 -5.06 1.92
CA ASP A 46 -8.76 -5.47 3.30
C ASP A 46 -9.12 -4.28 4.16
N ALA A 47 -8.52 -3.14 3.87
CA ALA A 47 -8.78 -1.91 4.61
C ALA A 47 -10.24 -1.50 4.38
N LEU A 48 -10.71 -1.62 3.14
CA LEU A 48 -12.10 -1.29 2.84
C LEU A 48 -13.06 -2.27 3.51
N ASP A 49 -12.73 -3.56 3.50
CA ASP A 49 -13.59 -4.54 4.15
C ASP A 49 -13.75 -4.24 5.63
N LYS A 50 -12.66 -3.83 6.29
CA LYS A 50 -12.72 -3.53 7.71
C LYS A 50 -13.62 -2.36 7.99
N ILE A 51 -13.52 -1.31 7.18
CA ILE A 51 -14.36 -0.14 7.41
C ILE A 51 -15.81 -0.49 7.13
N ARG A 52 -16.01 -1.37 6.15
CA ARG A 52 -17.37 -1.78 5.82
C ARG A 52 -17.99 -2.60 6.95
N LEU A 53 -17.17 -3.41 7.62
CA LEU A 53 -17.64 -4.22 8.73
C LEU A 53 -18.00 -3.31 9.90
N ILE A 54 -17.30 -2.20 10.00
CA ILE A 54 -17.53 -1.26 11.08
C ILE A 54 -18.77 -0.43 10.76
N SER A 55 -18.98 -0.09 9.49
CA SER A 55 -20.15 0.70 9.13
C SER A 55 -21.44 0.00 9.52
N LEU A 56 -21.38 -1.30 9.71
CA LEU A 56 -22.56 -2.08 10.10
C LEU A 56 -23.01 -1.78 11.53
N THR A 57 -22.05 -1.73 12.45
CA THR A 57 -22.35 -1.48 13.85
C THR A 57 -22.15 -0.02 14.26
N ASP A 58 -21.38 0.73 13.47
CA ASP A 58 -21.13 2.13 13.77
C ASP A 58 -21.77 2.96 12.66
N GLU A 59 -22.83 3.70 12.99
CA GLU A 59 -23.55 4.51 12.02
C GLU A 59 -22.77 5.72 11.50
N ASN A 60 -21.74 6.12 12.21
CA ASN A 60 -20.94 7.27 11.79
C ASN A 60 -19.62 6.88 11.13
N ALA A 61 -19.35 5.59 11.09
CA ALA A 61 -18.09 5.10 10.52
C ALA A 61 -17.67 5.73 9.21
N LEU A 62 -18.60 5.87 8.27
CA LEU A 62 -18.27 6.44 6.96
C LEU A 62 -18.36 7.95 6.86
N ALA A 63 -18.44 8.62 8.00
CA ALA A 63 -18.54 10.07 8.04
C ALA A 63 -17.35 10.79 7.37
N GLY A 64 -16.14 10.38 7.72
CA GLY A 64 -14.93 10.99 7.17
C GLY A 64 -14.77 10.98 5.65
N ASN A 65 -15.44 10.03 5.00
CA ASN A 65 -15.38 9.88 3.55
C ASN A 65 -16.50 8.91 3.14
N GLU A 66 -17.55 9.46 2.55
CA GLU A 66 -18.71 8.67 2.12
C GLU A 66 -18.42 7.58 1.09
N GLU A 67 -17.27 7.63 0.43
CA GLU A 67 -16.97 6.61 -0.58
C GLU A 67 -16.09 5.44 -0.13
N LEU A 68 -16.17 4.33 -0.86
CA LEU A 68 -15.38 3.15 -0.58
C LEU A 68 -14.69 2.80 -1.88
N THR A 69 -13.49 3.33 -2.08
CA THR A 69 -12.78 3.08 -3.33
C THR A 69 -11.26 2.97 -3.21
N VAL A 70 -10.60 2.70 -4.33
CA VAL A 70 -9.15 2.60 -4.45
C VAL A 70 -8.79 3.37 -5.71
N LYS A 71 -7.99 4.41 -5.55
CA LYS A 71 -7.58 5.21 -6.68
C LYS A 71 -6.05 5.22 -6.79
N ILE A 72 -5.57 5.06 -8.01
CA ILE A 72 -4.13 5.02 -8.30
C ILE A 72 -3.72 6.11 -9.28
N LYS A 73 -2.66 6.85 -8.97
CA LYS A 73 -2.23 7.91 -9.88
C LYS A 73 -0.71 7.98 -10.09
N CYS A 74 -0.32 8.32 -11.31
CA CYS A 74 1.09 8.41 -11.67
C CYS A 74 1.55 9.84 -11.74
N ASP A 75 2.61 10.15 -11.01
CA ASP A 75 3.19 11.47 -11.01
C ASP A 75 4.58 11.22 -11.60
N LYS A 76 4.66 11.19 -12.92
CA LYS A 76 5.93 10.94 -13.59
C LYS A 76 7.00 12.01 -13.33
N GLU A 77 6.61 13.28 -13.31
CA GLU A 77 7.57 14.36 -13.07
C GLU A 77 8.19 14.20 -11.68
N LYS A 78 7.37 13.91 -10.68
CA LYS A 78 7.83 13.70 -9.31
C LYS A 78 8.45 12.31 -9.13
N ASN A 79 8.17 11.41 -10.08
CA ASN A 79 8.65 10.03 -10.02
C ASN A 79 7.98 9.29 -8.86
N LEU A 80 6.69 9.54 -8.68
CA LEU A 80 5.94 8.94 -7.60
C LEU A 80 4.76 8.11 -8.08
N LEU A 81 4.40 7.11 -7.28
CA LEU A 81 3.26 6.26 -7.58
C LEU A 81 2.40 6.36 -6.32
N HIS A 82 1.10 6.58 -6.49
CA HIS A 82 0.17 6.70 -5.37
C HIS A 82 -0.94 5.67 -5.42
N VAL A 83 -1.21 5.04 -4.30
CA VAL A 83 -2.27 4.03 -4.21
C VAL A 83 -3.07 4.41 -2.98
N THR A 84 -4.21 5.06 -3.19
CA THR A 84 -5.02 5.50 -2.07
C THR A 84 -6.34 4.75 -1.96
N ASP A 85 -6.69 4.38 -0.73
CA ASP A 85 -7.94 3.70 -0.44
C ASP A 85 -8.71 4.54 0.56
N THR A 86 -9.99 4.26 0.69
CA THR A 86 -10.81 4.99 1.64
C THR A 86 -11.28 4.01 2.71
N GLY A 87 -10.39 3.08 3.05
CA GLY A 87 -10.71 2.08 4.05
C GLY A 87 -10.58 2.55 5.48
N VAL A 88 -10.55 1.59 6.39
CA VAL A 88 -10.44 1.85 7.81
C VAL A 88 -9.37 2.88 8.17
N GLY A 89 -8.24 2.85 7.47
CA GLY A 89 -7.16 3.78 7.76
C GLY A 89 -6.39 3.37 9.00
N MET A 90 -5.36 4.13 9.36
CA MET A 90 -4.56 3.80 10.53
C MET A 90 -4.25 4.95 11.46
N THR A 91 -4.25 4.65 12.76
CA THR A 91 -3.94 5.63 13.79
C THR A 91 -2.43 5.73 13.82
N ARG A 92 -1.90 6.70 14.56
N ARG A 92 -1.91 6.70 14.57
CA ARG A 92 -0.47 6.88 14.65
CA ARG A 92 -0.47 6.90 14.68
C ARG A 92 0.19 5.64 15.27
C ARG A 92 0.21 5.68 15.30
N GLU A 93 -0.46 5.07 16.28
CA GLU A 93 0.06 3.89 16.96
C GLU A 93 0.09 2.67 16.06
N GLU A 94 -0.93 2.57 15.23
CA GLU A 94 -1.08 1.48 14.29
C GLU A 94 -0.01 1.52 13.21
N LEU A 95 0.36 2.72 12.77
CA LEU A 95 1.40 2.85 11.76
C LEU A 95 2.72 2.34 12.32
N VAL A 96 2.96 2.59 13.60
CA VAL A 96 4.20 2.15 14.24
C VAL A 96 4.28 0.66 14.52
N LYS A 97 3.19 0.09 15.01
CA LYS A 97 3.16 -1.34 15.33
C LYS A 97 2.93 -2.22 14.11
N ASN A 98 1.89 -1.91 13.35
CA ASN A 98 1.51 -2.68 12.16
C ASN A 98 2.53 -2.80 11.04
N LEU A 99 3.35 -1.77 10.87
CA LEU A 99 4.34 -1.81 9.80
C LEU A 99 5.75 -2.04 10.36
N GLY A 100 5.98 -1.60 11.59
CA GLY A 100 7.29 -1.76 12.19
C GLY A 100 7.52 -3.02 13.01
N THR A 101 6.50 -3.85 13.14
CA THR A 101 6.61 -5.09 13.90
C THR A 101 5.86 -6.23 13.24
N ILE A 102 6.18 -7.46 13.66
CA ILE A 102 5.53 -8.65 13.12
C ILE A 102 5.43 -9.70 14.22
N GLY A 106 2.17 -16.85 13.10
CA GLY A 106 2.95 -17.79 12.31
C GLY A 106 4.20 -17.16 11.73
N THR A 107 4.76 -16.21 12.47
CA THR A 107 5.96 -15.49 12.05
C THR A 107 7.18 -16.39 11.83
N SER A 108 7.49 -17.23 12.84
CA SER A 108 8.64 -18.13 12.77
C SER A 108 8.47 -19.22 11.71
N GLU A 109 7.25 -19.75 11.59
CA GLU A 109 6.96 -20.78 10.61
C GLU A 109 7.11 -20.20 9.21
N PHE A 110 6.58 -18.99 9.04
CA PHE A 110 6.64 -18.28 7.77
C PHE A 110 8.10 -18.11 7.32
N LEU A 111 8.97 -17.80 8.27
CA LEU A 111 10.38 -17.61 7.99
C LEU A 111 10.97 -18.89 7.41
N ASN A 112 10.75 -20.01 8.08
CA ASN A 112 11.27 -21.30 7.63
C ASN A 112 10.58 -21.70 6.32
N LYS A 113 9.29 -21.36 6.21
CA LYS A 113 8.51 -21.67 5.02
C LYS A 113 9.08 -20.94 3.81
N MET A 114 9.41 -19.67 4.00
CA MET A 114 9.97 -18.83 2.94
C MET A 114 11.36 -19.28 2.48
N THR A 115 12.24 -19.55 3.43
CA THR A 115 13.61 -19.99 3.13
C THR A 115 13.62 -21.33 2.41
N GLU A 116 12.91 -22.31 2.97
CA GLU A 116 12.82 -23.65 2.39
C GLU A 116 12.16 -23.62 1.02
N ALA A 117 11.44 -22.53 0.73
CA ALA A 117 10.74 -22.38 -0.55
C ALA A 117 11.56 -21.55 -1.54
N GLN A 118 12.66 -20.96 -1.06
CA GLN A 118 13.54 -20.16 -1.89
C GLN A 118 14.85 -20.90 -2.09
N GLU A 119 14.99 -22.00 -1.37
CA GLU A 119 16.19 -22.83 -1.44
C GLU A 119 15.88 -24.17 -2.10
N SER A 123 8.61 -20.48 -5.46
CA SER A 123 7.83 -19.26 -5.66
C SER A 123 7.05 -18.89 -4.39
N THR A 124 7.56 -17.90 -3.68
CA THR A 124 6.93 -17.43 -2.45
C THR A 124 5.91 -16.34 -2.76
N SER A 125 5.78 -16.02 -4.04
CA SER A 125 4.84 -15.01 -4.49
C SER A 125 3.45 -15.24 -3.89
N GLU A 126 3.07 -16.50 -3.72
CA GLU A 126 1.77 -16.84 -3.17
C GLU A 126 1.80 -16.88 -1.65
N LEU A 127 2.96 -17.26 -1.10
CA LEU A 127 3.13 -17.37 0.34
C LEU A 127 3.25 -15.99 1.01
N ILE A 128 3.49 -14.96 0.20
CA ILE A 128 3.60 -13.58 0.68
C ILE A 128 2.18 -13.03 0.89
N GLY A 129 1.31 -13.27 -0.09
CA GLY A 129 -0.07 -12.81 0.01
C GLY A 129 -0.83 -13.60 1.05
N GLN A 130 -0.46 -14.88 1.20
CA GLN A 130 -1.09 -15.76 2.17
C GLN A 130 -0.91 -15.14 3.55
N PHE A 131 0.34 -14.99 3.97
CA PHE A 131 0.68 -14.36 5.24
C PHE A 131 0.32 -12.89 4.97
N GLY A 132 0.35 -12.04 5.98
CA GLY A 132 0.00 -10.65 5.73
C GLY A 132 1.19 -9.72 5.63
N VAL A 133 2.13 -10.01 4.74
CA VAL A 133 3.33 -9.19 4.63
C VAL A 133 3.69 -8.66 3.23
N GLY A 134 2.72 -8.64 2.33
CA GLY A 134 2.97 -8.16 0.97
C GLY A 134 3.33 -6.70 0.85
N PHE A 135 3.08 -5.93 1.89
CA PHE A 135 3.38 -4.50 1.89
C PHE A 135 4.87 -4.26 1.59
N TYR A 136 5.74 -5.01 2.26
CA TYR A 136 7.17 -4.85 2.09
C TYR A 136 7.66 -5.04 0.65
N SER A 137 6.94 -5.80 -0.16
CA SER A 137 7.37 -6.01 -1.53
C SER A 137 7.49 -4.70 -2.29
N ALA A 138 6.98 -3.62 -1.71
CA ALA A 138 7.03 -2.29 -2.35
C ALA A 138 8.48 -1.87 -2.55
N PHE A 139 9.31 -2.26 -1.60
CA PHE A 139 10.74 -1.95 -1.63
C PHE A 139 11.50 -2.53 -2.81
N LEU A 140 10.86 -3.42 -3.56
CA LEU A 140 11.49 -4.01 -4.75
C LEU A 140 11.56 -2.99 -5.89
N VAL A 141 10.63 -2.04 -5.89
CA VAL A 141 10.57 -1.03 -6.94
C VAL A 141 10.65 0.40 -6.43
N ALA A 142 10.82 0.56 -5.13
CA ALA A 142 10.89 1.89 -4.55
C ALA A 142 12.04 2.06 -3.58
N ASP A 143 12.60 3.26 -3.55
CA ASP A 143 13.69 3.57 -2.64
C ASP A 143 13.11 4.08 -1.34
N LYS A 144 11.94 4.72 -1.43
CA LYS A 144 11.21 5.21 -0.26
C LYS A 144 9.73 4.90 -0.40
N VAL A 145 9.15 4.52 0.73
CA VAL A 145 7.73 4.19 0.83
C VAL A 145 7.15 5.12 1.89
N ILE A 146 6.12 5.86 1.51
CA ILE A 146 5.45 6.78 2.43
C ILE A 146 4.02 6.32 2.64
N VAL A 147 3.60 6.29 3.90
CA VAL A 147 2.24 5.88 4.22
C VAL A 147 1.51 7.02 4.93
N THR A 148 0.60 7.66 4.20
CA THR A 148 -0.20 8.76 4.75
C THR A 148 -1.54 8.09 5.08
N SER A 149 -2.02 8.26 6.30
CA SER A 149 -3.24 7.61 6.69
C SER A 149 -4.11 8.43 7.66
N LYS A 150 -5.42 8.32 7.50
CA LYS A 150 -6.37 9.01 8.36
C LYS A 150 -7.35 7.99 8.94
N HIS A 151 -7.38 7.90 10.27
CA HIS A 151 -8.29 6.98 10.94
C HIS A 151 -9.33 7.77 11.75
N ASN A 152 -10.57 7.29 11.80
CA ASN A 152 -11.62 7.98 12.53
C ASN A 152 -11.25 8.36 13.97
N ASN A 153 -10.40 7.57 14.63
CA ASN A 153 -10.01 7.86 16.02
C ASN A 153 -8.65 8.52 16.19
N ASP A 154 -8.24 9.31 15.21
CA ASP A 154 -6.96 10.02 15.27
C ASP A 154 -6.80 11.00 14.12
N THR A 155 -5.70 11.76 14.16
CA THR A 155 -5.38 12.75 13.13
C THR A 155 -4.47 12.15 12.07
N GLN A 156 -4.54 12.69 10.86
CA GLN A 156 -3.71 12.22 9.77
C GLN A 156 -2.22 12.20 10.11
N HIS A 157 -1.58 11.06 9.88
CA HIS A 157 -0.17 10.89 10.14
C HIS A 157 0.54 10.37 8.91
N ILE A 158 1.87 10.52 8.91
CA ILE A 158 2.69 10.06 7.80
C ILE A 158 3.77 9.14 8.34
N TRP A 159 3.95 8.02 7.65
CA TRP A 159 4.96 7.03 8.00
C TRP A 159 5.85 6.94 6.78
N GLU A 160 7.16 6.99 6.99
CA GLU A 160 8.06 6.88 5.86
C GLU A 160 9.26 6.05 6.24
N SER A 161 9.88 5.43 5.24
CA SER A 161 11.03 4.58 5.49
C SER A 161 11.77 4.20 4.22
N ASP A 162 13.09 4.03 4.34
CA ASP A 162 13.90 3.59 3.21
C ASP A 162 14.38 2.20 3.59
N SER A 163 13.67 1.58 4.53
CA SER A 163 13.92 0.24 5.06
C SER A 163 15.01 0.15 6.12
N ASN A 164 15.79 1.22 6.30
CA ASN A 164 16.87 1.22 7.29
C ASN A 164 16.41 1.75 8.64
N GLU A 165 15.20 2.28 8.65
CA GLU A 165 14.58 2.82 9.84
C GLU A 165 13.27 3.38 9.31
N PHE A 166 12.41 3.86 10.20
CA PHE A 166 11.16 4.46 9.76
C PHE A 166 10.77 5.52 10.77
N SER A 167 9.99 6.51 10.35
CA SER A 167 9.55 7.53 11.28
C SER A 167 8.09 7.88 11.01
N VAL A 168 7.44 8.41 12.03
CA VAL A 168 6.04 8.80 11.93
C VAL A 168 5.89 10.19 12.52
N ILE A 169 5.16 11.04 11.81
CA ILE A 169 4.90 12.40 12.25
C ILE A 169 3.44 12.71 12.00
N ALA A 170 3.00 13.87 12.48
CA ALA A 170 1.63 14.29 12.24
C ALA A 170 1.68 14.98 10.87
N ASP A 171 0.70 14.72 10.02
CA ASP A 171 0.72 15.35 8.70
C ASP A 171 0.48 16.86 8.88
N PRO A 172 1.49 17.69 8.59
CA PRO A 172 1.31 19.14 8.74
C PRO A 172 0.26 19.70 7.79
N ARG A 173 -0.29 18.82 6.96
CA ARG A 173 -1.32 19.22 6.01
C ARG A 173 -2.69 18.99 6.62
N GLY A 174 -2.71 18.28 7.75
CA GLY A 174 -3.97 17.98 8.42
C GLY A 174 -4.82 16.92 7.72
N ASN A 175 -6.08 16.77 8.11
CA ASN A 175 -7.00 15.78 7.52
C ASN A 175 -7.33 16.06 6.05
N THR A 176 -6.57 15.47 5.11
CA THR A 176 -6.80 15.66 3.67
C THR A 176 -7.42 14.41 3.05
N LEU A 177 -7.39 13.31 3.79
CA LEU A 177 -7.94 12.05 3.30
C LEU A 177 -9.34 11.80 3.82
N GLY A 178 -9.66 12.35 4.99
CA GLY A 178 -10.98 12.14 5.58
C GLY A 178 -10.87 10.85 6.37
N ARG A 179 -10.65 9.77 5.63
CA ARG A 179 -10.46 8.44 6.17
C ARG A 179 -9.81 7.62 5.07
N GLY A 180 -8.81 6.82 5.44
CA GLY A 180 -8.13 6.00 4.45
C GLY A 180 -6.62 6.06 4.50
N THR A 181 -6.00 5.52 3.45
CA THR A 181 -4.54 5.46 3.39
C THR A 181 -3.99 5.65 1.98
N THR A 182 -2.90 6.40 1.87
CA THR A 182 -2.24 6.59 0.58
C THR A 182 -0.85 5.98 0.73
N ILE A 183 -0.48 5.10 -0.18
CA ILE A 183 0.86 4.52 -0.14
C ILE A 183 1.60 5.23 -1.25
N THR A 184 2.63 6.01 -0.91
CA THR A 184 3.39 6.70 -1.93
C THR A 184 4.76 6.07 -2.07
N LEU A 185 5.08 5.65 -3.29
CA LEU A 185 6.35 4.99 -3.57
C LEU A 185 7.28 5.83 -4.42
N VAL A 186 8.43 6.18 -3.88
CA VAL A 186 9.45 6.93 -4.62
C VAL A 186 10.14 5.83 -5.43
N LEU A 187 9.77 5.70 -6.70
CA LEU A 187 10.32 4.65 -7.56
C LEU A 187 11.83 4.66 -7.82
N LYS A 188 12.42 3.47 -7.89
CA LYS A 188 13.85 3.33 -8.17
C LYS A 188 14.03 3.73 -9.61
N GLU A 189 15.25 4.10 -9.99
CA GLU A 189 15.51 4.52 -11.37
C GLU A 189 15.13 3.45 -12.40
N GLU A 190 15.46 2.20 -12.12
CA GLU A 190 15.15 1.11 -13.04
C GLU A 190 13.68 0.70 -12.97
N ALA A 191 12.91 1.35 -12.11
CA ALA A 191 11.49 1.01 -11.96
C ALA A 191 10.56 2.09 -12.53
N SER A 192 11.11 2.92 -13.42
CA SER A 192 10.34 4.00 -14.02
C SER A 192 9.24 3.61 -15.01
N ASP A 193 9.17 2.33 -15.38
CA ASP A 193 8.14 1.90 -16.33
C ASP A 193 6.80 1.94 -15.60
N TYR A 194 6.86 1.85 -14.27
CA TYR A 194 5.65 1.87 -13.50
C TYR A 194 5.04 3.28 -13.41
N LEU A 195 5.66 4.25 -14.07
CA LEU A 195 5.11 5.60 -14.09
C LEU A 195 4.29 5.74 -15.37
N GLU A 196 4.39 4.71 -16.21
CA GLU A 196 3.69 4.68 -17.49
C GLU A 196 2.26 4.17 -17.35
N LEU A 197 1.29 5.05 -17.61
CA LEU A 197 -0.14 4.72 -17.50
C LEU A 197 -0.56 3.33 -17.98
N ASP A 198 -0.13 2.94 -19.18
CA ASP A 198 -0.51 1.65 -19.73
C ASP A 198 0.13 0.48 -19.00
N THR A 199 1.34 0.68 -18.49
CA THR A 199 2.00 -0.37 -17.75
C THR A 199 1.23 -0.53 -16.45
N ILE A 200 0.73 0.59 -15.94
CA ILE A 200 -0.06 0.60 -14.70
C ILE A 200 -1.43 -0.04 -14.89
N LYS A 201 -2.13 0.33 -15.97
CA LYS A 201 -3.45 -0.22 -16.25
C LYS A 201 -3.45 -1.73 -16.48
N ASN A 202 -2.43 -2.25 -17.17
CA ASN A 202 -2.36 -3.69 -17.40
C ASN A 202 -2.24 -4.44 -16.08
N LEU A 203 -1.48 -3.86 -15.15
CA LEU A 203 -1.28 -4.46 -13.85
C LEU A 203 -2.48 -4.27 -12.90
N VAL A 204 -3.15 -3.12 -12.99
CA VAL A 204 -4.30 -2.86 -12.13
C VAL A 204 -5.55 -3.59 -12.61
N LYS A 205 -5.64 -3.84 -13.91
CA LYS A 205 -6.80 -4.54 -14.44
C LYS A 205 -6.62 -6.03 -14.21
N LYS A 206 -5.36 -6.44 -14.04
CA LYS A 206 -5.05 -7.84 -13.80
C LYS A 206 -5.20 -8.23 -12.34
N TYR A 207 -4.92 -7.27 -11.45
CA TYR A 207 -4.99 -7.52 -10.01
C TYR A 207 -6.25 -7.00 -9.31
N SER A 208 -7.16 -6.38 -10.05
CA SER A 208 -8.39 -5.84 -9.48
C SER A 208 -9.61 -6.68 -9.80
N GLN A 209 -9.43 -7.62 -10.71
CA GLN A 209 -10.53 -8.48 -11.15
C GLN A 209 -11.19 -9.29 -10.04
N PHE A 210 -10.53 -9.42 -8.90
CA PHE A 210 -11.08 -10.18 -7.77
C PHE A 210 -11.55 -9.26 -6.64
N ILE A 211 -11.13 -7.99 -6.70
CA ILE A 211 -11.49 -7.01 -5.69
C ILE A 211 -12.93 -6.57 -5.84
N ASN A 212 -13.65 -6.57 -4.72
CA ASN A 212 -15.07 -6.20 -4.71
C ASN A 212 -15.34 -4.72 -4.49
N PHE A 213 -14.30 -3.90 -4.58
CA PHE A 213 -14.46 -2.46 -4.44
C PHE A 213 -13.97 -1.88 -5.77
N PRO A 214 -14.53 -0.74 -6.22
CA PRO A 214 -14.10 -0.14 -7.49
C PRO A 214 -12.68 0.45 -7.46
N ILE A 215 -11.91 0.15 -8.50
CA ILE A 215 -10.54 0.65 -8.58
C ILE A 215 -10.32 1.48 -9.83
N TYR A 216 -9.96 2.75 -9.62
CA TYR A 216 -9.73 3.67 -10.72
C TYR A 216 -8.26 4.07 -10.85
N VAL A 217 -7.86 4.43 -12.06
CA VAL A 217 -6.50 4.88 -12.33
C VAL A 217 -6.63 6.25 -12.99
N TRP A 218 -5.96 7.26 -12.43
CA TRP A 218 -6.00 8.61 -12.97
C TRP A 218 -5.35 8.55 -14.33
N SER A 219 -6.15 8.37 -15.37
CA SER A 219 -5.65 8.26 -16.73
C SER A 219 -6.00 9.45 -17.62
N SER A 220 -5.47 9.42 -18.84
CA SER A 220 -5.66 10.49 -19.81
C SER A 220 -6.40 10.02 -21.06
N LYS A 221 -7.27 10.89 -21.57
CA LYS A 221 -8.06 10.62 -22.77
C LYS A 221 -8.00 11.85 -23.67
N THR A 222 -7.78 11.64 -24.96
CA THR A 222 -7.70 12.74 -25.92
C THR A 222 -9.01 12.92 -26.70
N LYS A 227 -7.89 19.04 -25.81
CA LYS A 227 -7.80 17.72 -26.42
C LYS A 227 -7.62 16.62 -25.37
N THR A 228 -6.52 16.71 -24.61
CA THR A 228 -6.23 15.71 -23.58
C THR A 228 -6.73 16.08 -22.19
N VAL A 229 -7.80 15.43 -21.76
CA VAL A 229 -8.35 15.68 -20.43
C VAL A 229 -8.01 14.52 -19.51
N TRP A 230 -7.90 14.78 -18.22
CA TRP A 230 -7.59 13.71 -17.28
C TRP A 230 -8.74 13.48 -16.30
N ASP A 231 -8.98 12.20 -16.01
CA ASP A 231 -10.05 11.84 -15.11
C ASP A 231 -9.92 10.39 -14.67
N TRP A 232 -10.68 10.02 -13.63
CA TRP A 232 -10.67 8.68 -13.11
C TRP A 232 -11.29 7.69 -14.08
N GLU A 233 -10.55 6.65 -14.40
CA GLU A 233 -11.02 5.60 -15.31
C GLU A 233 -11.16 4.31 -14.49
N LEU A 234 -12.38 3.77 -14.44
CA LEU A 234 -12.64 2.56 -13.68
C LEU A 234 -11.90 1.37 -14.27
N MET A 235 -11.51 0.44 -13.42
CA MET A 235 -10.76 -0.74 -13.86
C MET A 235 -11.42 -2.10 -13.53
N ASN A 236 -12.65 -2.09 -13.03
CA ASN A 236 -13.32 -3.35 -12.69
C ASN A 236 -14.80 -3.24 -12.33
#